data_1MRY
#
_entry.id   1MRY
#
_cell.length_a   150.000
_cell.length_b   150.000
_cell.length_c   39.100
_cell.angle_alpha   90.00
_cell.angle_beta   90.00
_cell.angle_gamma   90.00
#
_symmetry.space_group_name_H-M   'P 41 21 2'
#
loop_
_entity.id
_entity.type
_entity.pdbx_description
1 polymer 'RAC-beta serine/threonine kinase'
2 water water
#
_entity_poly.entity_id   1
_entity_poly.type   'polypeptide(L)'
_entity_poly.pdbx_seq_one_letter_code
;ARAKVTMNDFDYLKLLGKGTFGKVILVREKATGRYYAMKILRKEVIIAKDEVAHTVTESRVLQNTRHPFLTALKYAFQTH
DRLCFVMEYANGGELFFHLSRERVFTEERARFYGAEIVSALEYLHSRDVVYRDIKLENLMLDKDGHIKITDFGLCKEGIS
DGATMKTFCGTPEYLAPEVLEDNDYGRAVDWWGLGVVMYEMMCGRLPFYNQDHERLFELILMEEIRFPRTLSPEAKSLLA
GLLKKDPKQRLGGGPSDAKEVMEHRFFLSINWQDVVQKKLLPPFKPQVTSEVDTRYFDDEFTAQSITITPPDRYDSLGLL
ELDQRTHFPQFSYSASIRE
;
_entity_poly.pdbx_strand_id   A
#
# COMPACT_ATOMS: atom_id res chain seq x y z
N LYS A 4 -17.36 26.34 0.70
CA LYS A 4 -16.12 25.90 0.00
C LYS A 4 -14.95 25.78 0.97
N VAL A 5 -14.13 24.76 0.78
CA VAL A 5 -12.97 24.54 1.63
C VAL A 5 -11.81 25.41 1.21
N THR A 6 -11.00 25.82 2.19
CA THR A 6 -9.85 26.66 1.94
C THR A 6 -8.73 26.34 2.93
N MET A 7 -7.57 26.97 2.73
CA MET A 7 -6.40 26.76 3.57
C MET A 7 -6.60 27.18 5.02
N ASN A 8 -7.56 28.05 5.23
CA ASN A 8 -7.84 28.59 6.55
C ASN A 8 -8.65 27.68 7.45
N ASP A 9 -9.18 26.59 6.90
CA ASP A 9 -9.97 25.68 7.70
C ASP A 9 -9.11 24.59 8.34
N PHE A 10 -7.79 24.72 8.23
CA PHE A 10 -6.88 23.72 8.76
C PHE A 10 -5.74 24.28 9.59
N ASP A 11 -5.32 23.49 10.59
CA ASP A 11 -4.19 23.85 11.42
C ASP A 11 -3.11 22.91 10.95
N TYR A 12 -1.90 23.44 10.78
CA TYR A 12 -0.77 22.63 10.33
C TYR A 12 -0.17 21.88 11.50
N LEU A 13 0.26 20.65 11.28
CA LEU A 13 0.87 19.86 12.35
C LEU A 13 2.28 19.38 11.98
N LYS A 14 2.40 18.63 10.89
CA LYS A 14 3.70 18.13 10.49
C LYS A 14 3.77 17.64 9.05
N LEU A 15 4.99 17.60 8.51
CA LEU A 15 5.21 17.13 7.16
C LEU A 15 5.13 15.60 7.18
N LEU A 16 4.56 15.03 6.13
CA LEU A 16 4.42 13.59 6.02
C LEU A 16 5.30 12.98 4.91
N GLY A 17 5.26 13.56 3.70
CA GLY A 17 6.07 13.12 2.54
C GLY A 17 6.44 14.36 1.76
N LYS A 18 7.63 14.45 1.17
CA LYS A 18 8.02 15.73 0.52
C LYS A 18 8.01 16.00 -1.02
N GLY A 19 8.09 17.28 -1.40
CA GLY A 19 8.03 17.60 -2.84
C GLY A 19 9.07 17.32 -3.94
N THR A 20 8.57 16.76 -5.06
CA THR A 20 9.38 16.46 -6.24
C THR A 20 8.23 16.60 -7.27
N PHE A 21 7.02 16.50 -6.70
CA PHE A 21 5.76 16.59 -7.36
C PHE A 21 4.80 17.32 -6.41
N GLY A 22 5.22 17.65 -5.17
CA GLY A 22 4.30 18.33 -4.25
C GLY A 22 4.61 17.95 -2.80
N LYS A 23 3.71 18.25 -1.86
CA LYS A 23 3.93 17.91 -0.46
C LYS A 23 2.71 17.22 0.13
N VAL A 24 2.95 16.48 1.21
CA VAL A 24 1.86 15.83 1.93
C VAL A 24 2.10 16.24 3.37
N ILE A 25 1.11 16.88 3.98
CA ILE A 25 1.26 17.32 5.35
C ILE A 25 0.10 16.92 6.23
N LEU A 26 0.39 16.65 7.49
CA LEU A 26 -0.66 16.28 8.42
C LEU A 26 -1.33 17.54 8.95
N VAL A 27 -2.65 17.61 8.82
CA VAL A 27 -3.40 18.77 9.29
C VAL A 27 -4.64 18.38 10.08
N ARG A 28 -5.21 19.34 10.78
CA ARG A 28 -6.41 19.12 11.57
C ARG A 28 -7.45 20.14 11.14
N GLU A 29 -8.60 19.66 10.68
CA GLU A 29 -9.69 20.53 10.27
C GLU A 29 -10.14 21.27 11.54
N LYS A 30 -10.04 22.60 11.53
CA LYS A 30 -10.41 23.37 12.69
C LYS A 30 -11.83 23.21 13.23
N ALA A 31 -12.81 22.99 12.35
CA ALA A 31 -14.20 22.84 12.80
C ALA A 31 -14.54 21.50 13.46
N THR A 32 -14.12 20.40 12.85
CA THR A 32 -14.43 19.07 13.39
C THR A 32 -13.29 18.49 14.23
N GLY A 33 -12.15 19.15 14.22
CA GLY A 33 -11.03 18.65 14.99
C GLY A 33 -10.48 17.32 14.50
N ARG A 34 -10.99 16.82 13.38
CA ARG A 34 -10.51 15.55 12.82
C ARG A 34 -9.19 15.77 12.01
N TYR A 35 -8.40 14.72 11.85
CA TYR A 35 -7.11 14.79 11.14
C TYR A 35 -7.11 14.27 9.72
N TYR A 36 -6.32 14.90 8.87
CA TYR A 36 -6.20 14.50 7.48
C TYR A 36 -4.79 14.71 6.96
N ALA A 37 -4.54 14.19 5.76
CA ALA A 37 -3.25 14.35 5.12
C ALA A 37 -3.53 15.23 3.92
N MET A 38 -2.88 16.39 3.87
CA MET A 38 -3.13 17.28 2.75
C MET A 38 -2.06 17.19 1.69
N LYS A 39 -2.46 16.73 0.51
CA LYS A 39 -1.53 16.62 -0.60
C LYS A 39 -1.54 17.96 -1.33
N ILE A 40 -0.37 18.51 -1.56
CA ILE A 40 -0.23 19.80 -2.22
C ILE A 40 0.62 19.68 -3.49
N LEU A 41 -0.05 19.71 -4.65
CA LEU A 41 0.67 19.58 -5.92
C LEU A 41 0.97 20.89 -6.63
N ARG A 42 2.26 21.12 -6.83
CA ARG A 42 2.80 22.28 -7.53
C ARG A 42 2.21 22.23 -8.96
N LYS A 43 1.41 23.22 -9.34
CA LYS A 43 0.82 23.25 -10.68
C LYS A 43 1.86 23.29 -11.83
N GLU A 44 2.90 24.10 -11.66
CA GLU A 44 3.94 24.23 -12.66
C GLU A 44 4.97 23.10 -12.59
N VAL A 45 5.17 22.54 -11.39
CA VAL A 45 6.12 21.44 -11.26
C VAL A 45 5.52 20.22 -11.98
N ILE A 46 4.24 20.33 -12.34
CA ILE A 46 3.53 19.26 -13.06
C ILE A 46 3.62 19.51 -14.57
N ILE A 47 4.54 20.40 -14.96
CA ILE A 47 4.74 20.77 -16.36
C ILE A 47 5.04 19.56 -17.25
N ARG A 60 -8.28 12.43 -10.59
CA ARG A 60 -9.74 12.40 -10.66
C ARG A 60 -10.27 10.97 -10.44
N VAL A 61 -9.73 10.02 -11.23
CA VAL A 61 -10.10 8.60 -11.07
C VAL A 61 -9.95 8.36 -9.57
N LEU A 62 -8.75 8.62 -9.07
CA LEU A 62 -8.38 8.46 -7.65
C LEU A 62 -9.43 9.01 -6.69
N GLN A 63 -9.97 10.16 -7.06
CA GLN A 63 -10.97 10.85 -6.25
C GLN A 63 -12.35 10.17 -6.15
N ASN A 64 -12.70 9.34 -7.12
CA ASN A 64 -14.01 8.69 -7.05
C ASN A 64 -13.93 7.25 -6.58
N THR A 65 -12.72 6.70 -6.57
CA THR A 65 -12.50 5.31 -6.16
C THR A 65 -12.56 5.15 -4.65
N ARG A 66 -13.76 4.85 -4.16
CA ARG A 66 -14.00 4.64 -2.73
C ARG A 66 -13.89 3.14 -2.46
N HIS A 67 -13.36 2.77 -1.30
CA HIS A 67 -13.19 1.37 -0.92
C HIS A 67 -12.71 1.31 0.53
N PRO A 68 -13.20 0.32 1.31
CA PRO A 68 -12.86 0.13 2.72
C PRO A 68 -11.37 0.18 3.08
N PHE A 69 -10.52 -0.37 2.23
CA PHE A 69 -9.10 -0.38 2.51
C PHE A 69 -8.33 0.63 1.67
N LEU A 70 -9.06 1.60 1.13
CA LEU A 70 -8.44 2.66 0.34
C LEU A 70 -8.74 3.96 1.05
N THR A 71 -7.72 4.80 1.16
CA THR A 71 -7.85 6.09 1.81
C THR A 71 -8.84 6.97 1.04
N ALA A 72 -9.87 7.43 1.73
CA ALA A 72 -10.89 8.25 1.10
C ALA A 72 -10.50 9.72 0.99
N LEU A 73 -10.87 10.32 -0.15
CA LEU A 73 -10.61 11.74 -0.39
C LEU A 73 -11.73 12.50 0.30
N LYS A 74 -11.38 13.47 1.14
CA LYS A 74 -12.40 14.23 1.85
C LYS A 74 -12.71 15.53 1.13
N TYR A 75 -11.68 16.30 0.83
CA TYR A 75 -11.84 17.57 0.13
C TYR A 75 -10.82 17.75 -0.97
N ALA A 76 -11.23 18.49 -2.00
CA ALA A 76 -10.37 18.82 -3.12
C ALA A 76 -10.60 20.29 -3.42
N PHE A 77 -9.56 21.10 -3.32
CA PHE A 77 -9.67 22.52 -3.63
C PHE A 77 -8.40 23.01 -4.30
N GLN A 78 -8.50 24.12 -5.03
CA GLN A 78 -7.34 24.66 -5.71
C GLN A 78 -7.01 26.03 -5.18
N THR A 79 -5.72 26.33 -5.14
CA THR A 79 -5.29 27.64 -4.72
C THR A 79 -4.74 28.26 -5.99
N HIS A 80 -4.12 29.42 -5.86
CA HIS A 80 -3.58 30.12 -7.00
C HIS A 80 -2.71 29.24 -7.90
N ASP A 81 -1.66 28.67 -7.34
CA ASP A 81 -0.76 27.82 -8.12
C ASP A 81 -0.56 26.47 -7.44
N ARG A 82 -1.61 25.99 -6.78
CA ARG A 82 -1.48 24.71 -6.08
C ARG A 82 -2.76 23.90 -6.17
N LEU A 83 -2.59 22.59 -6.18
CA LEU A 83 -3.69 21.65 -6.21
C LEU A 83 -3.69 21.01 -4.82
N CYS A 84 -4.85 20.93 -4.20
CA CYS A 84 -4.94 20.38 -2.86
C CYS A 84 -5.92 19.24 -2.68
N PHE A 85 -5.48 18.20 -1.98
CA PHE A 85 -6.33 17.04 -1.74
C PHE A 85 -6.27 16.65 -0.28
N VAL A 86 -7.33 16.94 0.45
CA VAL A 86 -7.42 16.60 1.86
C VAL A 86 -7.92 15.18 1.98
N MET A 87 -7.10 14.31 2.57
CA MET A 87 -7.49 12.91 2.69
C MET A 87 -7.44 12.29 4.08
N GLU A 88 -8.40 11.40 4.33
CA GLU A 88 -8.52 10.72 5.60
C GLU A 88 -7.18 10.08 6.02
N TYR A 89 -6.79 10.35 7.26
CA TYR A 89 -5.54 9.82 7.79
C TYR A 89 -5.74 8.69 8.81
N ALA A 90 -5.26 7.49 8.47
CA ALA A 90 -5.39 6.35 9.37
C ALA A 90 -4.70 6.62 10.69
N ASN A 91 -5.31 6.18 11.78
CA ASN A 91 -4.78 6.39 13.14
C ASN A 91 -3.76 5.39 13.63
N GLY A 92 -3.89 4.12 13.23
CA GLY A 92 -2.92 3.12 13.62
C GLY A 92 -1.65 3.54 12.91
N GLY A 93 -0.49 3.13 13.37
CA GLY A 93 0.71 3.59 12.67
C GLY A 93 0.90 3.02 11.27
N GLU A 94 2.02 3.35 10.65
CA GLU A 94 2.29 2.83 9.33
C GLU A 94 2.70 1.38 9.53
N LEU A 95 2.29 0.53 8.61
CA LEU A 95 2.60 -0.87 8.71
C LEU A 95 4.08 -1.10 8.95
N PHE A 96 4.93 -0.41 8.17
CA PHE A 96 6.36 -0.58 8.34
C PHE A 96 6.78 -0.50 9.82
N PHE A 97 6.19 0.43 10.54
CA PHE A 97 6.51 0.58 11.95
C PHE A 97 6.19 -0.72 12.69
N HIS A 98 4.98 -1.23 12.45
CA HIS A 98 4.52 -2.46 13.09
C HIS A 98 5.28 -3.69 12.66
N LEU A 99 5.70 -3.72 11.40
CA LEU A 99 6.46 -4.85 10.91
C LEU A 99 7.83 -4.86 11.61
N SER A 100 8.39 -3.68 11.82
CA SER A 100 9.68 -3.54 12.47
C SER A 100 9.67 -4.15 13.86
N ARG A 101 8.65 -3.82 14.64
CA ARG A 101 8.55 -4.32 15.99
C ARG A 101 8.40 -5.84 16.01
N GLU A 102 7.53 -6.37 15.17
CA GLU A 102 7.33 -7.82 15.12
C GLU A 102 8.42 -8.51 14.31
N ARG A 103 9.17 -7.73 13.52
CA ARG A 103 10.24 -8.27 12.67
C ARG A 103 9.70 -9.12 11.53
N VAL A 104 8.65 -9.87 11.81
CA VAL A 104 8.04 -10.73 10.81
C VAL A 104 6.63 -10.98 11.28
N PHE A 105 5.72 -11.18 10.34
CA PHE A 105 4.36 -11.45 10.71
C PHE A 105 4.07 -12.92 10.47
N THR A 106 3.12 -13.43 11.24
CA THR A 106 2.70 -14.81 11.12
C THR A 106 2.05 -14.87 9.74
N GLU A 107 2.20 -16.00 9.07
CA GLU A 107 1.62 -16.15 7.75
C GLU A 107 0.12 -15.79 7.77
N GLU A 108 -0.50 -15.93 8.93
CA GLU A 108 -1.91 -15.62 9.10
C GLU A 108 -2.07 -14.11 9.18
N ARG A 109 -1.18 -13.46 9.92
CA ARG A 109 -1.19 -12.01 10.05
C ARG A 109 -0.96 -11.40 8.66
N ALA A 110 -0.06 -12.00 7.90
CA ALA A 110 0.25 -11.55 6.56
C ALA A 110 -0.94 -11.80 5.65
N ARG A 111 -1.53 -12.99 5.78
CA ARG A 111 -2.68 -13.37 4.97
C ARG A 111 -3.82 -12.37 5.17
N PHE A 112 -3.97 -11.89 6.40
CA PHE A 112 -5.01 -10.93 6.71
C PHE A 112 -4.81 -9.70 5.87
N TYR A 113 -3.65 -9.05 6.05
CA TYR A 113 -3.31 -7.85 5.30
C TYR A 113 -3.26 -8.13 3.80
N GLY A 114 -2.67 -9.25 3.42
CA GLY A 114 -2.60 -9.57 2.01
C GLY A 114 -3.97 -9.71 1.41
N ALA A 115 -4.93 -10.12 2.24
CA ALA A 115 -6.30 -10.30 1.80
C ALA A 115 -7.00 -8.96 1.59
N GLU A 116 -6.75 -8.01 2.47
CA GLU A 116 -7.38 -6.72 2.35
C GLU A 116 -6.81 -5.92 1.17
N ILE A 117 -5.57 -6.20 0.81
CA ILE A 117 -4.98 -5.50 -0.32
C ILE A 117 -5.61 -6.09 -1.58
N VAL A 118 -5.63 -7.41 -1.68
CA VAL A 118 -6.22 -8.07 -2.86
C VAL A 118 -7.63 -7.57 -3.12
N SER A 119 -8.38 -7.32 -2.04
CA SER A 119 -9.74 -6.84 -2.15
C SER A 119 -9.73 -5.49 -2.84
N ALA A 120 -8.92 -4.57 -2.30
CA ALA A 120 -8.79 -3.22 -2.85
C ALA A 120 -8.33 -3.23 -4.30
N LEU A 121 -7.43 -4.15 -4.63
CA LEU A 121 -6.91 -4.25 -5.98
C LEU A 121 -7.89 -4.82 -6.96
N GLU A 122 -8.75 -5.71 -6.51
CA GLU A 122 -9.73 -6.29 -7.41
C GLU A 122 -10.71 -5.18 -7.78
N TYR A 123 -10.97 -4.30 -6.83
CA TYR A 123 -11.88 -3.19 -7.07
C TYR A 123 -11.30 -2.20 -8.05
N LEU A 124 -10.04 -1.81 -7.85
CA LEU A 124 -9.40 -0.87 -8.76
C LEU A 124 -9.29 -1.44 -10.17
N HIS A 125 -8.92 -2.70 -10.26
CA HIS A 125 -8.78 -3.31 -11.56
C HIS A 125 -10.12 -3.43 -12.25
N SER A 126 -11.18 -3.56 -11.48
CA SER A 126 -12.51 -3.67 -12.06
C SER A 126 -12.87 -2.35 -12.71
N ARG A 127 -12.31 -1.27 -12.19
CA ARG A 127 -12.56 0.07 -12.72
C ARG A 127 -11.44 0.48 -13.66
N ASP A 128 -10.70 -0.49 -14.18
CA ASP A 128 -9.61 -0.23 -15.11
C ASP A 128 -8.49 0.64 -14.55
N VAL A 129 -8.35 0.64 -13.23
CA VAL A 129 -7.31 1.43 -12.61
C VAL A 129 -6.18 0.54 -12.12
N VAL A 130 -4.95 0.91 -12.50
CA VAL A 130 -3.74 0.20 -12.09
C VAL A 130 -3.16 1.07 -10.99
N TYR A 131 -2.92 0.52 -9.82
CA TYR A 131 -2.43 1.33 -8.71
C TYR A 131 -0.97 1.78 -8.73
N ARG A 132 -0.09 0.94 -9.28
CA ARG A 132 1.33 1.27 -9.39
C ARG A 132 2.17 1.41 -8.11
N ASP A 133 1.54 1.75 -6.99
CA ASP A 133 2.31 1.94 -5.77
C ASP A 133 1.99 1.03 -4.60
N ILE A 134 1.77 -0.25 -4.86
CA ILE A 134 1.52 -1.16 -3.77
C ILE A 134 2.90 -1.43 -3.20
N LYS A 135 3.12 -0.97 -1.98
CA LYS A 135 4.38 -1.19 -1.32
C LYS A 135 4.30 -0.82 0.15
N LEU A 136 5.05 -1.56 0.94
CA LEU A 136 5.11 -1.43 2.39
C LEU A 136 4.85 -0.04 2.92
N GLU A 137 5.58 0.94 2.40
CA GLU A 137 5.44 2.32 2.87
C GLU A 137 4.10 2.97 2.58
N ASN A 138 3.34 2.39 1.67
CA ASN A 138 2.03 2.95 1.37
C ASN A 138 0.95 2.30 2.21
N LEU A 139 1.35 1.52 3.20
CA LEU A 139 0.38 0.84 4.04
C LEU A 139 0.33 1.34 5.48
N MET A 140 -0.87 1.73 5.89
CA MET A 140 -1.11 2.20 7.24
C MET A 140 -2.26 1.40 7.84
N LEU A 141 -2.33 1.38 9.16
CA LEU A 141 -3.38 0.65 9.88
C LEU A 141 -4.36 1.64 10.47
N ASP A 142 -5.65 1.37 10.37
CA ASP A 142 -6.62 2.30 10.95
C ASP A 142 -6.88 1.98 12.42
N LYS A 143 -7.65 2.84 13.08
CA LYS A 143 -7.97 2.70 14.50
C LYS A 143 -8.35 1.28 14.92
N ASP A 144 -8.99 0.53 14.04
CA ASP A 144 -9.38 -0.83 14.40
C ASP A 144 -8.35 -1.89 14.02
N GLY A 145 -7.33 -1.50 13.27
CA GLY A 145 -6.32 -2.46 12.87
C GLY A 145 -6.55 -3.00 11.47
N HIS A 146 -7.40 -2.30 10.71
CA HIS A 146 -7.69 -2.69 9.33
C HIS A 146 -6.78 -1.93 8.40
N ILE A 147 -6.32 -2.59 7.35
CA ILE A 147 -5.41 -1.94 6.44
C ILE A 147 -6.02 -0.76 5.70
N LYS A 148 -5.16 0.21 5.38
CA LYS A 148 -5.56 1.41 4.66
C LYS A 148 -4.42 1.74 3.71
N ILE A 149 -4.67 1.63 2.41
CA ILE A 149 -3.64 1.95 1.41
C ILE A 149 -3.62 3.45 1.19
N THR A 150 -2.43 4.03 1.21
CA THR A 150 -2.31 5.46 1.02
C THR A 150 -1.41 5.82 -0.17
N ASP A 151 -1.45 7.09 -0.52
CA ASP A 151 -0.69 7.60 -1.64
C ASP A 151 0.13 8.81 -1.19
N PHE A 152 0.86 8.65 -0.10
CA PHE A 152 1.70 9.74 0.40
C PHE A 152 3.10 9.32 -0.02
N GLY A 153 4.00 9.17 0.94
CA GLY A 153 5.36 8.77 0.61
C GLY A 153 6.23 8.87 1.84
N LEU A 154 6.12 7.86 2.70
CA LEU A 154 6.92 7.86 3.92
C LEU A 154 8.26 7.21 3.58
N CYS A 155 8.95 6.70 4.60
CA CYS A 155 10.25 6.08 4.40
C CYS A 155 10.67 5.23 5.60
N CYS A 169 13.75 9.30 -0.48
CA CYS A 169 14.72 8.70 0.44
C CYS A 169 15.34 7.43 -0.13
N GLY A 170 16.23 6.84 0.65
CA GLY A 170 16.93 5.67 0.16
C GLY A 170 16.39 4.30 0.49
N THR A 171 15.09 4.07 0.31
CA THR A 171 14.61 2.71 0.55
C THR A 171 14.65 2.08 -0.85
N PRO A 172 15.32 0.93 -0.97
CA PRO A 172 15.44 0.22 -2.25
C PRO A 172 14.10 0.14 -2.97
N GLU A 173 14.02 0.68 -4.16
CA GLU A 173 12.79 0.61 -4.93
C GLU A 173 12.71 -0.74 -5.65
N TYR A 174 11.56 -1.40 -5.58
CA TYR A 174 11.40 -2.71 -6.24
C TYR A 174 10.36 -2.71 -7.34
N LEU A 175 10.67 -2.08 -8.45
CA LEU A 175 9.75 -2.02 -9.59
C LEU A 175 9.66 -3.36 -10.30
N ALA A 176 8.50 -3.64 -10.86
CA ALA A 176 8.27 -4.89 -11.56
C ALA A 176 9.17 -5.01 -12.76
N PRO A 177 9.64 -6.23 -13.05
CA PRO A 177 10.52 -6.49 -14.19
C PRO A 177 10.02 -5.85 -15.47
N GLU A 178 8.73 -6.00 -15.77
CA GLU A 178 8.17 -5.42 -16.99
C GLU A 178 8.22 -3.90 -16.94
N VAL A 179 8.37 -3.35 -15.74
CA VAL A 179 8.47 -1.91 -15.63
C VAL A 179 9.90 -1.54 -16.01
N LEU A 180 10.86 -2.23 -15.41
CA LEU A 180 12.27 -1.96 -15.68
C LEU A 180 12.65 -2.21 -17.13
N GLU A 181 12.06 -3.22 -17.75
CA GLU A 181 12.40 -3.50 -19.13
C GLU A 181 11.58 -2.68 -20.13
N ASP A 182 10.26 -2.80 -20.10
CA ASP A 182 9.43 -2.08 -21.07
C ASP A 182 8.60 -0.92 -20.55
N ASN A 183 8.87 -0.48 -19.33
CA ASN A 183 8.09 0.61 -18.76
C ASN A 183 6.59 0.34 -18.91
N ASP A 184 6.23 -0.95 -18.83
CA ASP A 184 4.84 -1.38 -18.94
C ASP A 184 4.17 -1.39 -17.56
N TYR A 185 3.18 -0.52 -17.40
CA TYR A 185 2.46 -0.41 -16.13
C TYR A 185 1.09 -1.06 -16.19
N GLY A 186 1.05 -2.32 -16.60
CA GLY A 186 -0.19 -3.05 -16.66
C GLY A 186 -0.62 -3.38 -15.25
N ARG A 187 -1.79 -3.98 -15.11
CA ARG A 187 -2.33 -4.36 -13.81
C ARG A 187 -1.46 -5.37 -13.05
N ALA A 188 -0.64 -6.11 -13.78
CA ALA A 188 0.23 -7.12 -13.18
C ALA A 188 1.23 -6.58 -12.13
N VAL A 189 1.61 -5.32 -12.28
CA VAL A 189 2.56 -4.72 -11.37
C VAL A 189 2.02 -4.63 -9.96
N ASP A 190 0.70 -4.58 -9.84
CA ASP A 190 0.06 -4.49 -8.53
C ASP A 190 0.19 -5.80 -7.76
N TRP A 191 0.23 -6.89 -8.51
CA TRP A 191 0.38 -8.21 -7.94
C TRP A 191 1.82 -8.38 -7.53
N TRP A 192 2.72 -7.87 -8.35
CA TRP A 192 4.14 -7.91 -8.04
C TRP A 192 4.35 -7.08 -6.77
N GLY A 193 3.74 -5.91 -6.72
CA GLY A 193 3.86 -5.06 -5.54
C GLY A 193 3.39 -5.81 -4.33
N LEU A 194 2.29 -6.53 -4.49
CA LEU A 194 1.72 -7.34 -3.42
C LEU A 194 2.72 -8.42 -3.00
N GLY A 195 3.33 -9.05 -3.99
CA GLY A 195 4.30 -10.08 -3.72
C GLY A 195 5.45 -9.56 -2.89
N VAL A 196 6.03 -8.44 -3.32
CA VAL A 196 7.14 -7.84 -2.60
C VAL A 196 6.69 -7.43 -1.20
N VAL A 197 5.44 -7.02 -1.05
CA VAL A 197 4.92 -6.63 0.25
C VAL A 197 4.70 -7.85 1.14
N MET A 198 4.14 -8.93 0.58
CA MET A 198 3.92 -10.17 1.33
C MET A 198 5.26 -10.78 1.76
N TYR A 199 6.20 -10.82 0.82
CA TYR A 199 7.52 -11.38 1.08
C TYR A 199 8.17 -10.74 2.29
N GLU A 200 8.23 -9.42 2.28
CA GLU A 200 8.84 -8.73 3.38
C GLU A 200 8.02 -8.92 4.64
N MET A 201 6.73 -9.16 4.49
CA MET A 201 5.87 -9.36 5.66
C MET A 201 6.13 -10.70 6.34
N MET A 202 6.39 -11.72 5.55
CA MET A 202 6.62 -13.05 6.12
C MET A 202 8.10 -13.44 6.21
N CYS A 203 8.97 -12.68 5.54
CA CYS A 203 10.40 -12.95 5.57
C CYS A 203 11.18 -11.93 6.39
N GLY A 204 10.50 -10.90 6.88
CA GLY A 204 11.16 -9.88 7.68
C GLY A 204 12.15 -9.03 6.91
N ARG A 205 12.33 -9.31 5.62
CA ARG A 205 13.28 -8.57 4.82
C ARG A 205 12.93 -8.62 3.35
N LEU A 206 13.57 -7.75 2.55
CA LEU A 206 13.33 -7.70 1.12
C LEU A 206 14.10 -8.81 0.44
N PRO A 207 13.55 -9.36 -0.64
CA PRO A 207 14.17 -10.45 -1.40
C PRO A 207 15.66 -10.39 -1.62
N PHE A 208 16.21 -9.20 -1.86
CA PHE A 208 17.64 -9.06 -2.09
C PHE A 208 18.30 -8.10 -1.11
N TYR A 209 17.98 -8.19 0.17
CA TYR A 209 18.59 -7.30 1.18
C TYR A 209 20.10 -7.56 1.28
N ASN A 210 20.48 -8.83 1.21
CA ASN A 210 21.85 -9.30 1.31
C ASN A 210 22.79 -8.76 0.23
N GLN A 211 22.24 -7.95 -0.68
CA GLN A 211 23.02 -7.41 -1.78
C GLN A 211 22.78 -5.90 -1.94
N ASP A 212 23.85 -5.14 -2.17
CA ASP A 212 23.71 -3.71 -2.31
C ASP A 212 22.77 -3.36 -3.45
N HIS A 213 22.08 -2.23 -3.28
CA HIS A 213 21.08 -1.74 -4.22
C HIS A 213 21.56 -1.39 -5.61
N GLU A 214 22.87 -1.30 -5.78
CA GLU A 214 23.42 -0.94 -7.07
C GLU A 214 23.14 -1.99 -8.13
N ARG A 215 23.12 -3.26 -7.76
CA ARG A 215 22.87 -4.27 -8.77
C ARG A 215 21.42 -4.75 -8.74
N LEU A 216 20.60 -4.02 -8.01
CA LEU A 216 19.19 -4.33 -7.88
C LEU A 216 18.44 -4.44 -9.23
N PHE A 217 18.89 -3.68 -10.22
CA PHE A 217 18.24 -3.69 -11.53
C PHE A 217 18.39 -5.02 -12.25
N GLU A 218 19.61 -5.53 -12.28
CA GLU A 218 19.88 -6.79 -12.94
C GLU A 218 19.28 -7.91 -12.12
N LEU A 219 19.25 -7.72 -10.81
CA LEU A 219 18.69 -8.72 -9.93
C LEU A 219 17.21 -8.94 -10.21
N ILE A 220 16.43 -7.87 -10.12
CA ILE A 220 15.01 -7.97 -10.37
C ILE A 220 14.72 -8.54 -11.75
N LEU A 221 15.57 -8.21 -12.72
CA LEU A 221 15.36 -8.70 -14.06
C LEU A 221 15.82 -10.12 -14.34
N MET A 222 16.92 -10.54 -13.71
CA MET A 222 17.45 -11.87 -13.98
C MET A 222 17.81 -12.78 -12.82
N GLU A 223 17.44 -12.40 -11.60
CA GLU A 223 17.78 -13.23 -10.46
C GLU A 223 16.58 -13.97 -9.86
N GLU A 224 16.72 -15.27 -9.64
CA GLU A 224 15.64 -16.03 -9.05
C GLU A 224 15.58 -15.63 -7.58
N ILE A 225 14.39 -15.38 -7.07
CA ILE A 225 14.23 -14.99 -5.69
C ILE A 225 14.19 -16.22 -4.79
N ARG A 226 14.94 -16.18 -3.70
CA ARG A 226 15.02 -17.29 -2.74
C ARG A 226 14.08 -17.05 -1.56
N PHE A 227 13.57 -18.12 -0.96
CA PHE A 227 12.66 -18.04 0.19
C PHE A 227 13.19 -18.83 1.39
N PRO A 228 12.84 -18.39 2.62
CA PRO A 228 13.26 -19.03 3.87
C PRO A 228 12.70 -20.45 3.95
N ARG A 229 13.45 -21.38 4.55
CA ARG A 229 12.97 -22.76 4.65
C ARG A 229 11.71 -22.83 5.51
N THR A 230 11.69 -22.04 6.59
CA THR A 230 10.55 -22.01 7.49
C THR A 230 9.21 -21.70 6.78
N LEU A 231 9.28 -21.14 5.57
CA LEU A 231 8.07 -20.76 4.84
C LEU A 231 7.17 -21.93 4.49
N SER A 232 5.90 -21.85 4.87
CA SER A 232 4.95 -22.93 4.58
C SER A 232 4.93 -23.23 3.08
N PRO A 233 4.53 -24.45 2.71
CA PRO A 233 4.51 -24.76 1.27
C PRO A 233 3.57 -23.82 0.52
N GLU A 234 2.46 -23.47 1.15
CA GLU A 234 1.46 -22.59 0.52
C GLU A 234 2.03 -21.20 0.31
N ALA A 235 2.65 -20.65 1.36
CA ALA A 235 3.23 -19.31 1.28
C ALA A 235 4.37 -19.20 0.24
N LYS A 236 5.16 -20.25 0.09
CA LYS A 236 6.25 -20.24 -0.88
C LYS A 236 5.61 -20.22 -2.25
N SER A 237 4.46 -20.87 -2.36
CA SER A 237 3.74 -20.95 -3.62
C SER A 237 3.18 -19.59 -4.05
N LEU A 238 2.61 -18.87 -3.10
CA LEU A 238 2.06 -17.55 -3.37
C LEU A 238 3.14 -16.63 -3.90
N LEU A 239 4.16 -16.40 -3.07
CA LEU A 239 5.25 -15.51 -3.42
C LEU A 239 5.91 -15.85 -4.74
N ALA A 240 6.17 -17.12 -4.98
CA ALA A 240 6.80 -17.51 -6.23
C ALA A 240 5.89 -17.14 -7.39
N GLY A 241 4.58 -17.15 -7.12
CA GLY A 241 3.62 -16.79 -8.15
C GLY A 241 3.51 -15.28 -8.33
N LEU A 242 3.41 -14.58 -7.21
CA LEU A 242 3.30 -13.13 -7.23
C LEU A 242 4.57 -12.47 -7.75
N LEU A 243 5.69 -13.19 -7.64
CA LEU A 243 6.97 -12.64 -8.06
C LEU A 243 7.57 -13.19 -9.35
N LYS A 244 6.75 -13.72 -10.24
CA LYS A 244 7.29 -14.22 -11.51
C LYS A 244 7.64 -13.04 -12.39
N LYS A 245 8.79 -13.12 -13.03
CA LYS A 245 9.26 -12.03 -13.88
C LYS A 245 8.37 -11.76 -15.09
N ASP A 246 7.68 -12.78 -15.57
CA ASP A 246 6.81 -12.62 -16.73
C ASP A 246 5.39 -12.26 -16.29
N PRO A 247 4.94 -11.02 -16.60
CA PRO A 247 3.60 -10.54 -16.23
C PRO A 247 2.49 -11.50 -16.59
N LYS A 248 2.58 -12.08 -17.79
CA LYS A 248 1.58 -13.00 -18.30
C LYS A 248 1.54 -14.32 -17.53
N GLN A 249 2.67 -14.68 -16.95
CA GLN A 249 2.78 -15.91 -16.20
C GLN A 249 2.62 -15.66 -14.70
N ARG A 250 2.70 -14.40 -14.29
CA ARG A 250 2.59 -14.06 -12.87
C ARG A 250 1.22 -14.37 -12.32
N LEU A 251 1.16 -14.63 -11.03
CA LEU A 251 -0.11 -14.92 -10.36
C LEU A 251 -0.89 -13.62 -10.35
N GLY A 252 -2.01 -13.60 -11.06
CA GLY A 252 -2.81 -12.39 -11.14
C GLY A 252 -2.58 -11.76 -12.50
N GLY A 253 -1.62 -12.32 -13.24
CA GLY A 253 -1.29 -11.84 -14.55
C GLY A 253 -2.17 -12.41 -15.64
N GLY A 254 -2.89 -13.49 -15.33
CA GLY A 254 -3.77 -14.10 -16.31
C GLY A 254 -5.03 -13.28 -16.51
N PRO A 255 -5.82 -13.56 -17.56
CA PRO A 255 -7.05 -12.82 -17.84
C PRO A 255 -8.08 -12.66 -16.72
N SER A 256 -8.15 -13.60 -15.79
CA SER A 256 -9.14 -13.49 -14.70
C SER A 256 -8.65 -12.69 -13.49
N ASP A 257 -7.58 -11.93 -13.68
CA ASP A 257 -6.97 -11.07 -12.66
C ASP A 257 -7.02 -11.61 -11.23
N ALA A 258 -7.62 -10.85 -10.31
CA ALA A 258 -7.71 -11.25 -8.90
C ALA A 258 -8.27 -12.65 -8.58
N LYS A 259 -9.04 -13.26 -9.47
CA LYS A 259 -9.57 -14.59 -9.18
C LYS A 259 -8.43 -15.52 -8.85
N GLU A 260 -7.44 -15.59 -9.73
CA GLU A 260 -6.27 -16.44 -9.54
C GLU A 260 -5.68 -16.26 -8.13
N VAL A 261 -5.52 -15.02 -7.71
CA VAL A 261 -4.96 -14.72 -6.40
C VAL A 261 -5.90 -15.17 -5.26
N MET A 262 -7.16 -14.80 -5.39
CA MET A 262 -8.17 -15.13 -4.38
C MET A 262 -8.32 -16.63 -4.19
N GLU A 263 -8.24 -17.38 -5.28
CA GLU A 263 -8.38 -18.81 -5.20
C GLU A 263 -7.08 -19.59 -5.16
N HIS A 264 -6.01 -18.95 -4.74
CA HIS A 264 -4.76 -19.66 -4.62
C HIS A 264 -4.88 -20.39 -3.27
N ARG A 265 -4.12 -21.47 -3.12
CA ARG A 265 -4.14 -22.28 -1.90
C ARG A 265 -3.92 -21.44 -0.63
N PHE A 266 -2.95 -20.53 -0.68
CA PHE A 266 -2.63 -19.69 0.47
C PHE A 266 -3.85 -19.00 1.06
N PHE A 267 -4.83 -18.72 0.20
CA PHE A 267 -6.04 -18.03 0.63
C PHE A 267 -7.27 -18.92 0.73
N LEU A 268 -7.06 -20.21 1.03
CA LEU A 268 -8.17 -21.14 1.16
C LEU A 268 -9.09 -20.68 2.28
N SER A 269 -8.50 -20.32 3.41
CA SER A 269 -9.27 -19.91 4.57
C SER A 269 -9.87 -18.52 4.44
N ILE A 270 -10.03 -18.03 3.22
CA ILE A 270 -10.57 -16.69 3.09
C ILE A 270 -11.96 -16.57 2.49
N ASN A 271 -12.77 -15.76 3.19
CA ASN A 271 -14.14 -15.48 2.83
C ASN A 271 -14.15 -14.06 2.28
N TRP A 272 -13.85 -13.93 0.99
CA TRP A 272 -13.77 -12.63 0.32
C TRP A 272 -14.90 -11.63 0.61
N GLN A 273 -16.09 -12.13 0.84
CA GLN A 273 -17.24 -11.29 1.12
C GLN A 273 -17.11 -10.80 2.56
N ASP A 274 -16.36 -11.55 3.36
CA ASP A 274 -16.14 -11.24 4.76
C ASP A 274 -15.10 -10.13 4.93
N VAL A 275 -14.07 -10.16 4.08
CA VAL A 275 -13.01 -9.16 4.16
C VAL A 275 -13.47 -7.78 3.74
N VAL A 276 -14.08 -7.65 2.57
CA VAL A 276 -14.52 -6.34 2.12
C VAL A 276 -15.56 -5.77 3.07
N GLN A 277 -16.12 -6.64 3.89
CA GLN A 277 -17.15 -6.25 4.85
C GLN A 277 -16.55 -5.84 6.19
N LYS A 278 -15.26 -6.11 6.35
CA LYS A 278 -14.56 -5.78 7.59
C LYS A 278 -15.14 -6.58 8.74
N LYS A 279 -15.66 -7.76 8.39
CA LYS A 279 -16.21 -8.69 9.37
C LYS A 279 -15.00 -9.35 10.03
N LEU A 280 -13.95 -9.60 9.23
CA LEU A 280 -12.73 -10.23 9.73
C LEU A 280 -12.12 -9.46 10.90
N LEU A 281 -11.49 -10.18 11.82
CA LEU A 281 -10.90 -9.56 13.01
C LEU A 281 -9.42 -9.23 12.86
N PRO A 282 -9.07 -7.94 12.94
CA PRO A 282 -7.66 -7.57 12.81
C PRO A 282 -6.76 -8.42 13.71
N PRO A 283 -5.71 -9.00 13.12
CA PRO A 283 -4.77 -9.83 13.86
C PRO A 283 -4.11 -9.01 14.97
N PHE A 284 -4.20 -7.70 14.85
CA PHE A 284 -3.57 -6.82 15.82
C PHE A 284 -4.34 -5.52 15.98
N LYS A 285 -4.42 -5.05 17.22
CA LYS A 285 -5.11 -3.81 17.49
C LYS A 285 -4.04 -2.74 17.76
N PRO A 286 -4.14 -1.59 17.06
CA PRO A 286 -3.20 -0.47 17.19
C PRO A 286 -2.93 0.02 18.60
N GLN A 287 -3.95 0.53 19.28
CA GLN A 287 -3.86 1.03 20.66
C GLN A 287 -4.33 2.47 20.75
N VAL A 288 -4.96 2.95 19.69
CA VAL A 288 -5.47 4.31 19.66
C VAL A 288 -6.87 4.33 20.32
N THR A 289 -7.21 5.39 21.04
CA THR A 289 -8.53 5.46 21.65
C THR A 289 -9.57 5.66 20.55
N SER A 290 -9.32 6.65 19.68
CA SER A 290 -10.23 6.98 18.57
C SER A 290 -9.49 7.83 17.55
N GLU A 291 -10.03 7.89 16.33
CA GLU A 291 -9.43 8.68 15.26
C GLU A 291 -9.36 10.18 15.65
N VAL A 292 -8.58 10.48 16.68
CA VAL A 292 -8.41 11.84 17.17
C VAL A 292 -7.21 11.76 18.11
N ASP A 293 -6.94 10.52 18.54
CA ASP A 293 -5.84 10.18 19.42
C ASP A 293 -4.50 10.37 18.71
N THR A 294 -3.84 11.51 18.98
CA THR A 294 -2.56 11.84 18.35
C THR A 294 -1.39 10.92 18.74
N ARG A 295 -1.65 9.67 19.08
CA ARG A 295 -0.58 8.75 19.48
C ARG A 295 0.47 8.59 18.39
N TYR A 296 0.24 7.61 17.51
CA TYR A 296 1.14 7.31 16.40
C TYR A 296 1.68 8.50 15.61
N PHE A 297 1.01 9.66 15.64
CA PHE A 297 1.53 10.80 14.90
C PHE A 297 2.90 11.17 15.49
N ASP A 298 3.03 10.92 16.80
CA ASP A 298 4.21 11.19 17.65
C ASP A 298 4.11 12.62 18.15
#